data_7UYM
#
_entry.id   7UYM
#
_cell.length_a   137.500
_cell.length_b   137.500
_cell.length_c   63.600
_cell.angle_alpha   90.00
_cell.angle_beta   90.00
_cell.angle_gamma   90.00
#
_symmetry.space_group_name_H-M   'I 41'
#
loop_
_entity.id
_entity.type
_entity.pdbx_description
1 polymer '850 Fab Heavy Chain'
2 polymer 'VHH nanobody'
3 polymer '850 Fab Light Chain'
4 polymer 'Circumsporozoite protein'
5 water water
#
loop_
_entity_poly.entity_id
_entity_poly.type
_entity_poly.pdbx_seq_one_letter_code
_entity_poly.pdbx_strand_id
1 'polypeptide(L)'
;QVQLVESGGGVVQPGRSLRLSCAASGFTFSNFGMHWIRQSPGKGLEWVAIIWYDGSNTYYADSVKGRFTISRDNSKNTLY
LQMNSLRAEDTAVYYCAKVWFGESEDNYSVDVWGQGTTVTVSSASTKGPSVFPLAPSSKSTSGGTAALGCLVKDYFPEPV
TVSWNSGALTSGVHTFPAVLQSSGLYSLSSVVTVPSSSLGTQTYICNVNHKPSNTKVDKKVEPKSC
;
H
2 'polypeptide(L)'
;(UNK)VQL(UNK)(UNK)SGGG(UNK)VQ(UNK)G(UNK)SL(UNK)LSC(UNK)A(UNK)(UNK)(UNK)(UNK)
(UNK)(UNK)(UNK)(UNK)(UNK)(UNK)(UNK)W(UNK)RQ(UNK)PG(UNK)(UNK)RE(UNK)V(UNK)(UNK)
(UNK)(UNK)(UNK)(UNK)(UNK)(UNK)(UNK)(UNK)(UNK)(UNK)(UNK)DS(UNK)(UNK)GRFT(UNK)S
(UNK)D(UNK)(UNK)(UNK)(UNK)(UNK)(UNK)(UNK)LQ(UNK)(UNK)(UNK)L(UNK)(UNK)(UNK)D(UNK)
A(UNK)YYC(UNK)(UNK)(UNK)(UNK)(UNK)(UNK)(UNK)(UNK)(UNK)(UNK)(UNK)(UNK)(UNK)(UNK)W
G(UNK)GT(UNK)VTVSS
;
K
3 'polypeptide(L)'
;DIQMTQSPSTLSTSVGDRVTITCRASQSISNWLAWYQQKPGKAPKLLIYKASTLESGVPSRFSGSGSGTEFTLTISSLQP
DDFATYYCQQYSSYWTFGQGTKLEIKRTVAAPSVFIFPPSDEQLKSGTASVVCLLNNFYPREAKVQWKVDNALQSGNSQE
SVTEQDSKDSTYSLSSTLTLSKADYEKHKVYACEVTHQGLSSPVTKSFNRGEC
;
L
4 'polypeptide(L)' NANPNANPNANP P
#
# COMPACT_ATOMS: atom_id res chain seq x y z
N GLN A 1 -21.40 -22.28 -9.41
CA GLN A 1 -21.91 -21.66 -8.19
C GLN A 1 -22.57 -20.31 -8.47
N VAL A 2 -22.75 -19.50 -7.42
CA VAL A 2 -23.29 -18.15 -7.59
C VAL A 2 -22.30 -17.30 -8.36
N GLN A 3 -22.81 -16.53 -9.32
CA GLN A 3 -21.98 -15.64 -10.12
C GLN A 3 -22.71 -14.34 -10.41
N LEU A 4 -22.01 -13.22 -10.26
CA LEU A 4 -22.55 -11.89 -10.50
C LEU A 4 -21.60 -11.13 -11.39
N VAL A 5 -22.11 -10.59 -12.50
CA VAL A 5 -21.30 -9.90 -13.50
C VAL A 5 -21.87 -8.52 -13.70
N GLU A 6 -21.18 -7.50 -13.19
CA GLU A 6 -21.56 -6.11 -13.37
C GLU A 6 -21.11 -5.60 -14.74
N SER A 7 -21.84 -4.61 -15.24
CA SER A 7 -21.44 -3.92 -16.46
C SER A 7 -22.07 -2.53 -16.47
N GLY A 8 -21.60 -1.69 -17.39
CA GLY A 8 -22.14 -0.36 -17.55
C GLY A 8 -21.25 0.75 -17.03
N GLY A 9 -20.11 0.42 -16.42
CA GLY A 9 -19.23 1.45 -15.91
C GLY A 9 -18.45 2.15 -16.99
N GLY A 10 -18.05 3.38 -16.69
CA GLY A 10 -17.24 4.14 -17.61
C GLY A 10 -17.00 5.55 -17.12
N VAL A 11 -16.55 6.41 -18.04
CA VAL A 11 -16.26 7.81 -17.75
C VAL A 11 -17.50 8.63 -18.04
N VAL A 12 -17.93 9.43 -17.07
CA VAL A 12 -19.10 10.27 -17.22
C VAL A 12 -18.80 11.65 -16.63
N GLN A 13 -19.30 12.69 -17.29
CA GLN A 13 -19.07 14.06 -16.82
C GLN A 13 -19.95 14.35 -15.60
N PRO A 14 -19.48 15.22 -14.71
CA PRO A 14 -20.29 15.58 -13.54
C PRO A 14 -21.64 16.16 -13.95
N GLY A 15 -22.70 15.69 -13.29
CA GLY A 15 -24.05 16.11 -13.57
C GLY A 15 -24.82 15.20 -14.51
N ARG A 16 -24.15 14.26 -15.17
CA ARG A 16 -24.80 13.36 -16.09
C ARG A 16 -25.21 12.07 -15.38
N SER A 17 -25.82 11.16 -16.14
CA SER A 17 -26.38 9.94 -15.60
C SER A 17 -25.65 8.72 -16.13
N LEU A 18 -25.89 7.58 -15.49
CA LEU A 18 -25.29 6.32 -15.89
C LEU A 18 -26.12 5.19 -15.29
N ARG A 19 -26.25 4.10 -16.05
CA ARG A 19 -27.05 2.96 -15.62
C ARG A 19 -26.15 1.73 -15.52
N LEU A 20 -25.96 1.23 -14.31
CA LEU A 20 -25.25 -0.03 -14.09
C LEU A 20 -26.23 -1.18 -14.11
N SER A 21 -25.74 -2.34 -14.54
CA SER A 21 -26.53 -3.56 -14.55
C SER A 21 -25.68 -4.70 -14.00
N CYS A 22 -26.36 -5.68 -13.41
CA CYS A 22 -25.69 -6.81 -12.77
C CYS A 22 -26.44 -8.07 -13.20
N ALA A 23 -25.78 -8.92 -13.99
CA ALA A 23 -26.36 -10.17 -14.46
C ALA A 23 -26.05 -11.28 -13.46
N ALA A 24 -27.09 -11.97 -12.99
CA ALA A 24 -26.96 -13.00 -11.96
C ALA A 24 -27.24 -14.37 -12.54
N SER A 25 -26.49 -15.37 -12.07
CA SER A 25 -26.73 -16.76 -12.43
C SER A 25 -26.20 -17.65 -11.31
N GLY A 26 -26.56 -18.93 -11.38
CA GLY A 26 -26.17 -19.89 -10.38
C GLY A 26 -27.07 -19.99 -9.17
N PHE A 27 -28.09 -19.14 -9.06
CA PHE A 27 -29.05 -19.22 -7.98
C PHE A 27 -30.38 -18.66 -8.46
N THR A 28 -31.40 -18.76 -7.61
CA THR A 28 -32.71 -18.20 -7.93
C THR A 28 -32.69 -16.72 -7.56
N PHE A 29 -32.48 -15.87 -8.58
CA PHE A 29 -32.29 -14.45 -8.35
C PHE A 29 -33.51 -13.82 -7.68
N SER A 30 -34.71 -14.19 -8.12
CA SER A 30 -35.94 -13.61 -7.60
C SER A 30 -36.20 -13.94 -6.14
N ASN A 31 -35.46 -14.87 -5.54
CA ASN A 31 -35.67 -15.24 -4.14
C ASN A 31 -34.82 -14.43 -3.17
N PHE A 32 -33.97 -13.53 -3.64
CA PHE A 32 -32.96 -12.93 -2.78
C PHE A 32 -32.94 -11.41 -2.94
N GLY A 33 -32.76 -10.72 -1.83
CA GLY A 33 -32.42 -9.32 -1.87
C GLY A 33 -31.01 -9.11 -2.38
N MET A 34 -30.73 -7.89 -2.81
CA MET A 34 -29.44 -7.56 -3.40
C MET A 34 -28.95 -6.22 -2.88
N HIS A 35 -27.64 -6.06 -2.84
CA HIS A 35 -27.00 -4.81 -2.48
C HIS A 35 -26.19 -4.26 -3.65
N TRP A 36 -26.05 -2.94 -3.69
CA TRP A 36 -24.95 -2.29 -4.38
C TRP A 36 -23.99 -1.74 -3.34
N ILE A 37 -22.69 -2.02 -3.51
CA ILE A 37 -21.64 -1.56 -2.62
C ILE A 37 -20.50 -1.00 -3.48
N ARG A 38 -19.89 0.08 -3.04
CA ARG A 38 -18.83 0.72 -3.81
C ARG A 38 -17.56 0.84 -2.97
N GLN A 39 -16.44 0.95 -3.68
CA GLN A 39 -15.12 1.03 -3.05
C GLN A 39 -14.30 2.08 -3.78
N SER A 40 -13.74 3.02 -3.01
CA SER A 40 -12.89 4.07 -3.54
C SER A 40 -11.70 4.25 -2.61
N PRO A 41 -10.57 4.75 -3.13
CA PRO A 41 -9.42 4.99 -2.25
C PRO A 41 -9.71 6.01 -1.15
N GLY A 42 -10.63 6.94 -1.38
CA GLY A 42 -10.90 7.99 -0.42
C GLY A 42 -11.89 7.64 0.67
N LYS A 43 -12.83 6.73 0.40
CA LYS A 43 -13.88 6.41 1.35
C LYS A 43 -13.92 4.94 1.74
N GLY A 44 -13.04 4.10 1.19
CA GLY A 44 -13.07 2.69 1.52
C GLY A 44 -14.30 2.00 0.98
N LEU A 45 -14.78 1.01 1.72
CA LEU A 45 -15.96 0.26 1.34
C LEU A 45 -17.22 0.95 1.87
N GLU A 46 -18.20 1.13 1.00
CA GLU A 46 -19.31 2.03 1.29
C GLU A 46 -20.59 1.43 0.71
N TRP A 47 -21.50 0.99 1.59
CA TRP A 47 -22.78 0.48 1.14
C TRP A 47 -23.58 1.58 0.44
N VAL A 48 -24.24 1.23 -0.66
CA VAL A 48 -24.95 2.17 -1.50
C VAL A 48 -26.46 2.00 -1.42
N ALA A 49 -26.96 0.79 -1.67
CA ALA A 49 -28.41 0.58 -1.71
C ALA A 49 -28.72 -0.90 -1.55
N ILE A 50 -29.97 -1.18 -1.15
CA ILE A 50 -30.48 -2.54 -1.05
C ILE A 50 -31.89 -2.58 -1.64
N ILE A 51 -32.27 -3.73 -2.19
CA ILE A 51 -33.61 -3.94 -2.72
C ILE A 51 -34.11 -5.32 -2.28
N TRP A 52 -35.38 -5.38 -1.89
CA TRP A 52 -36.00 -6.64 -1.51
C TRP A 52 -36.11 -7.57 -2.72
N TYR A 53 -36.35 -8.86 -2.44
CA TYR A 53 -36.43 -9.87 -3.49
C TYR A 53 -37.48 -9.52 -4.54
N ASP A 54 -38.58 -8.88 -4.14
CA ASP A 54 -39.68 -8.54 -5.03
C ASP A 54 -39.72 -7.07 -5.41
N GLY A 55 -38.67 -6.30 -5.09
CA GLY A 55 -38.63 -4.89 -5.40
C GLY A 55 -39.47 -4.01 -4.51
N SER A 56 -40.11 -4.56 -3.47
CA SER A 56 -41.09 -3.78 -2.71
C SER A 56 -40.43 -2.74 -1.83
N ASN A 57 -39.32 -3.07 -1.18
CA ASN A 57 -38.62 -2.13 -0.31
C ASN A 57 -37.23 -1.85 -0.86
N THR A 58 -36.83 -0.58 -0.76
CA THR A 58 -35.49 -0.12 -1.13
C THR A 58 -35.00 0.84 -0.06
N TYR A 59 -33.69 0.82 0.17
CA TYR A 59 -33.05 1.74 1.11
C TYR A 59 -31.76 2.25 0.48
N TYR A 60 -31.36 3.46 0.88
CA TYR A 60 -30.21 4.12 0.27
C TYR A 60 -29.33 4.78 1.32
N ALA A 61 -28.04 4.82 1.03
CA ALA A 61 -27.12 5.62 1.82
C ALA A 61 -27.44 7.11 1.63
N ASP A 62 -27.23 7.88 2.70
CA ASP A 62 -27.52 9.30 2.68
C ASP A 62 -26.80 10.03 1.54
N SER A 63 -25.59 9.59 1.19
CA SER A 63 -24.80 10.31 0.19
C SER A 63 -25.34 10.17 -1.22
N VAL A 64 -26.29 9.25 -1.46
CA VAL A 64 -26.83 9.03 -2.79
C VAL A 64 -28.34 9.15 -2.82
N LYS A 65 -28.99 9.37 -1.68
CA LYS A 65 -30.44 9.47 -1.62
C LYS A 65 -30.92 10.60 -2.52
N GLY A 66 -31.96 10.32 -3.31
CA GLY A 66 -32.50 11.29 -4.23
C GLY A 66 -31.82 11.32 -5.59
N ARG A 67 -30.64 10.72 -5.71
CA ARG A 67 -29.92 10.67 -6.98
C ARG A 67 -29.83 9.27 -7.58
N PHE A 68 -29.74 8.23 -6.77
CA PHE A 68 -29.61 6.88 -7.26
C PHE A 68 -30.93 6.14 -7.09
N THR A 69 -31.18 5.18 -7.99
CA THR A 69 -32.38 4.35 -7.93
C THR A 69 -31.98 2.91 -8.20
N ILE A 70 -32.18 2.04 -7.21
CA ILE A 70 -31.94 0.62 -7.38
C ILE A 70 -33.24 -0.04 -7.83
N SER A 71 -33.13 -0.98 -8.77
CA SER A 71 -34.28 -1.70 -9.28
C SER A 71 -33.81 -3.05 -9.78
N ARG A 72 -34.77 -3.90 -10.13
CA ARG A 72 -34.43 -5.26 -10.57
C ARG A 72 -35.47 -5.75 -11.57
N ASP A 73 -35.04 -6.68 -12.41
CA ASP A 73 -35.90 -7.36 -13.38
C ASP A 73 -35.77 -8.86 -13.12
N ASN A 74 -36.73 -9.43 -12.39
CA ASN A 74 -36.64 -10.84 -12.00
C ASN A 74 -36.89 -11.79 -13.16
N SER A 75 -37.53 -11.34 -14.24
CA SER A 75 -37.66 -12.20 -15.40
C SER A 75 -36.36 -12.28 -16.19
N LYS A 76 -35.51 -11.25 -16.10
CA LYS A 76 -34.23 -11.24 -16.77
C LYS A 76 -33.05 -11.53 -15.85
N ASN A 77 -33.30 -11.70 -14.55
CA ASN A 77 -32.26 -11.99 -13.56
C ASN A 77 -31.20 -10.88 -13.56
N THR A 78 -31.67 -9.64 -13.52
CA THR A 78 -30.80 -8.48 -13.66
C THR A 78 -31.12 -7.46 -12.57
N LEU A 79 -30.07 -6.95 -11.93
CA LEU A 79 -30.13 -5.86 -10.98
C LEU A 79 -29.62 -4.59 -11.63
N TYR A 80 -30.26 -3.47 -11.33
CA TYR A 80 -29.91 -2.19 -11.95
C TYR A 80 -29.60 -1.14 -10.89
N LEU A 81 -28.74 -0.19 -11.26
CA LEU A 81 -28.47 1.00 -10.46
C LEU A 81 -28.47 2.19 -11.40
N GLN A 82 -29.55 2.98 -11.37
CA GLN A 82 -29.62 4.19 -12.15
C GLN A 82 -29.00 5.33 -11.35
N MET A 83 -27.89 5.88 -11.85
CA MET A 83 -27.14 6.92 -11.17
C MET A 83 -27.36 8.24 -11.87
N ASN A 84 -27.98 9.20 -11.17
CA ASN A 84 -28.26 10.52 -11.71
C ASN A 84 -27.50 11.58 -10.91
N SER A 85 -27.27 12.72 -11.55
CA SER A 85 -26.61 13.87 -10.93
C SER A 85 -25.27 13.47 -10.32
N LEU A 86 -24.47 12.75 -11.10
CA LEU A 86 -23.22 12.20 -10.59
C LEU A 86 -22.23 13.31 -10.23
N ARG A 87 -21.53 13.12 -9.11
CA ARG A 87 -20.50 14.04 -8.66
C ARG A 87 -19.17 13.32 -8.65
N ALA A 88 -18.09 14.11 -8.51
CA ALA A 88 -16.75 13.54 -8.54
C ALA A 88 -16.56 12.46 -7.47
N GLU A 89 -17.12 12.68 -6.28
CA GLU A 89 -16.92 11.73 -5.18
C GLU A 89 -17.68 10.42 -5.35
N ASP A 90 -18.46 10.26 -6.41
CA ASP A 90 -19.06 8.97 -6.74
C ASP A 90 -18.12 8.06 -7.52
N THR A 91 -16.94 8.55 -7.89
CA THR A 91 -15.93 7.72 -8.55
C THR A 91 -15.57 6.55 -7.65
N ALA A 92 -15.75 5.33 -8.15
CA ALA A 92 -15.48 4.13 -7.36
C ALA A 92 -15.64 2.90 -8.25
N VAL A 93 -15.20 1.75 -7.70
CA VAL A 93 -15.62 0.46 -8.22
C VAL A 93 -16.96 0.11 -7.58
N TYR A 94 -17.94 -0.23 -8.40
CA TYR A 94 -19.29 -0.56 -7.93
C TYR A 94 -19.52 -2.07 -8.02
N TYR A 95 -19.93 -2.67 -6.90
CA TYR A 95 -20.19 -4.09 -6.80
C TYR A 95 -21.67 -4.33 -6.53
N CYS A 96 -22.23 -5.34 -7.18
CA CYS A 96 -23.47 -5.94 -6.71
C CYS A 96 -23.13 -7.13 -5.83
N ALA A 97 -23.98 -7.40 -4.86
CA ALA A 97 -23.74 -8.51 -3.94
C ALA A 97 -25.07 -9.13 -3.56
N LYS A 98 -25.08 -10.44 -3.39
CA LYS A 98 -26.28 -11.18 -3.04
C LYS A 98 -26.39 -11.34 -1.53
N VAL A 99 -27.60 -11.12 -1.00
CA VAL A 99 -27.88 -11.33 0.42
C VAL A 99 -27.88 -12.82 0.72
N TRP A 100 -27.30 -13.20 1.86
CA TRP A 100 -27.25 -14.60 2.24
C TRP A 100 -28.61 -15.11 2.74
N PHE A 101 -28.78 -16.43 2.73
CA PHE A 101 -29.96 -17.03 3.33
C PHE A 101 -29.76 -17.18 4.83
N GLY A 102 -30.82 -16.96 5.60
CA GLY A 102 -30.73 -17.04 7.04
C GLY A 102 -32.04 -17.42 7.72
N GLU A 103 -32.12 -17.21 9.03
CA GLU A 103 -33.34 -17.51 9.77
C GLU A 103 -34.21 -16.27 9.85
N SER A 104 -35.49 -16.49 10.17
CA SER A 104 -36.50 -15.44 10.00
C SER A 104 -36.16 -14.20 10.83
N GLU A 105 -35.60 -14.38 12.01
CA GLU A 105 -35.34 -13.27 12.93
C GLU A 105 -33.91 -12.74 12.85
N ASP A 106 -33.11 -13.20 11.89
CA ASP A 106 -31.74 -12.73 11.77
C ASP A 106 -31.70 -11.31 11.21
N ASN A 107 -30.56 -10.65 11.41
CA ASN A 107 -30.15 -9.55 10.56
C ASN A 107 -29.32 -10.09 9.41
N TYR A 108 -29.26 -9.33 8.32
CA TYR A 108 -28.77 -9.83 7.04
C TYR A 108 -27.71 -8.93 6.44
N SER A 109 -26.73 -9.57 5.78
CA SER A 109 -25.79 -8.90 4.90
C SER A 109 -25.51 -9.81 3.71
N VAL A 110 -24.36 -9.67 3.08
CA VAL A 110 -24.12 -10.28 1.77
C VAL A 110 -23.08 -11.39 1.87
N ASP A 111 -23.27 -12.43 1.06
CA ASP A 111 -22.33 -13.54 1.02
C ASP A 111 -21.55 -13.65 -0.28
N VAL A 112 -22.08 -13.19 -1.40
CA VAL A 112 -21.39 -13.29 -2.69
C VAL A 112 -21.34 -11.91 -3.33
N TRP A 113 -20.14 -11.49 -3.73
CA TRP A 113 -19.93 -10.22 -4.41
C TRP A 113 -19.63 -10.47 -5.89
N GLY A 114 -20.00 -9.51 -6.73
CA GLY A 114 -19.63 -9.54 -8.13
C GLY A 114 -18.19 -9.14 -8.34
N GLN A 115 -17.79 -9.07 -9.61
CA GLN A 115 -16.42 -8.70 -9.94
C GLN A 115 -16.18 -7.20 -9.84
N GLY A 116 -17.22 -6.38 -10.00
CA GLY A 116 -17.10 -4.94 -9.91
C GLY A 116 -17.01 -4.28 -11.28
N THR A 117 -17.53 -3.05 -11.36
CA THR A 117 -17.43 -2.24 -12.57
C THR A 117 -17.07 -0.82 -12.17
N THR A 118 -16.13 -0.23 -12.90
CA THR A 118 -15.51 1.04 -12.52
C THR A 118 -16.29 2.22 -13.08
N VAL A 119 -16.53 3.22 -12.23
CA VAL A 119 -17.21 4.45 -12.62
C VAL A 119 -16.27 5.61 -12.33
N THR A 120 -16.03 6.43 -13.34
CA THR A 120 -15.14 7.59 -13.23
C THR A 120 -15.96 8.82 -13.58
N VAL A 121 -16.17 9.68 -12.59
CA VAL A 121 -16.90 10.93 -12.79
C VAL A 121 -15.87 12.05 -12.88
N SER A 122 -15.66 12.56 -14.09
CA SER A 122 -14.65 13.58 -14.33
C SER A 122 -15.03 14.40 -15.54
N SER A 123 -14.69 15.69 -15.49
CA SER A 123 -14.85 16.58 -16.63
C SER A 123 -13.61 16.62 -17.51
N ALA A 124 -12.64 15.75 -17.26
CA ALA A 124 -11.46 15.68 -18.12
C ALA A 124 -11.82 15.02 -19.45
N SER A 125 -11.18 15.48 -20.51
CA SER A 125 -11.40 14.89 -21.84
C SER A 125 -10.35 13.83 -22.13
N THR A 126 -10.74 12.83 -22.91
CA THR A 126 -9.85 11.74 -23.28
C THR A 126 -8.58 12.28 -23.93
N LYS A 127 -7.43 11.78 -23.49
CA LYS A 127 -6.15 12.31 -23.92
C LYS A 127 -5.07 11.26 -23.71
N GLY A 128 -4.28 11.00 -24.74
CA GLY A 128 -3.15 10.12 -24.62
C GLY A 128 -2.02 10.79 -23.87
N PRO A 129 -1.09 9.99 -23.36
CA PRO A 129 0.01 10.54 -22.55
C PRO A 129 1.15 11.06 -23.40
N SER A 130 1.90 12.00 -22.82
CA SER A 130 3.22 12.33 -23.29
C SER A 130 4.22 11.41 -22.60
N VAL A 131 5.16 10.85 -23.36
CA VAL A 131 6.13 9.90 -22.84
C VAL A 131 7.50 10.56 -22.85
N PHE A 132 8.11 10.66 -21.67
CA PHE A 132 9.42 11.30 -21.56
C PHE A 132 10.43 10.32 -20.99
N PRO A 133 11.66 10.32 -21.50
CA PRO A 133 12.66 9.38 -21.00
C PRO A 133 13.13 9.76 -19.60
N LEU A 134 13.37 8.75 -18.78
CA LEU A 134 14.06 8.92 -17.51
C LEU A 134 15.49 8.43 -17.74
N ALA A 135 16.37 9.36 -18.08
CA ALA A 135 17.66 9.01 -18.66
C ALA A 135 18.64 8.58 -17.58
N PRO A 136 19.31 7.44 -17.75
CA PRO A 136 20.34 7.02 -16.79
C PRO A 136 21.59 7.86 -16.91
N SER A 137 22.33 7.92 -15.81
CA SER A 137 23.62 8.61 -15.75
C SER A 137 24.34 8.13 -14.51
N SER A 138 25.41 8.84 -14.13
CA SER A 138 26.09 8.54 -12.88
C SER A 138 25.18 8.78 -11.68
N LYS A 139 24.18 9.64 -11.82
CA LYS A 139 23.23 9.94 -10.76
C LYS A 139 22.15 8.88 -10.60
N SER A 140 22.07 7.93 -11.52
CA SER A 140 21.18 6.78 -11.39
C SER A 140 21.96 5.48 -11.52
N THR A 141 23.19 5.48 -11.00
CA THR A 141 24.07 4.31 -11.05
C THR A 141 24.66 4.09 -9.66
N SER A 142 24.47 2.89 -9.13
CA SER A 142 25.11 2.46 -7.89
C SER A 142 25.83 1.15 -8.18
N GLY A 143 27.16 1.19 -8.22
CA GLY A 143 27.92 0.01 -8.59
C GLY A 143 27.68 -0.36 -10.05
N GLY A 144 27.58 -1.66 -10.30
CA GLY A 144 27.33 -2.17 -11.63
C GLY A 144 25.88 -2.14 -12.06
N THR A 145 25.00 -1.48 -11.31
CA THR A 145 23.57 -1.43 -11.59
C THR A 145 23.15 0.01 -11.87
N ALA A 146 22.34 0.18 -12.91
CA ALA A 146 21.84 1.49 -13.30
C ALA A 146 20.33 1.41 -13.50
N ALA A 147 19.65 2.51 -13.20
CA ALA A 147 18.21 2.62 -13.38
C ALA A 147 17.90 3.58 -14.52
N LEU A 148 16.92 3.20 -15.33
CA LEU A 148 16.38 4.05 -16.38
C LEU A 148 14.88 3.81 -16.42
N GLY A 149 14.16 4.64 -17.17
CA GLY A 149 12.72 4.49 -17.18
C GLY A 149 12.05 5.42 -18.17
N CYS A 150 10.72 5.48 -18.04
CA CYS A 150 9.86 6.33 -18.86
C CYS A 150 8.82 6.99 -17.98
N LEU A 151 8.62 8.29 -18.18
CA LEU A 151 7.58 9.06 -17.50
C LEU A 151 6.39 9.17 -18.45
N VAL A 152 5.23 8.74 -17.98
CA VAL A 152 4.01 8.65 -18.80
C VAL A 152 3.01 9.62 -18.19
N LYS A 153 2.92 10.82 -18.76
CA LYS A 153 2.34 11.98 -18.09
C LYS A 153 1.09 12.47 -18.83
N ASP A 154 0.09 12.85 -18.03
CA ASP A 154 -1.05 13.68 -18.48
C ASP A 154 -1.97 12.93 -19.45
N TYR A 155 -2.42 11.76 -19.03
CA TYR A 155 -3.38 10.98 -19.82
C TYR A 155 -4.68 10.80 -19.04
N PHE A 156 -5.75 10.54 -19.79
CA PHE A 156 -7.07 10.30 -19.21
C PHE A 156 -7.88 9.52 -20.22
N PRO A 157 -8.61 8.48 -19.81
CA PRO A 157 -8.63 7.96 -18.44
C PRO A 157 -7.68 6.78 -18.28
N GLU A 158 -7.78 6.08 -17.15
CA GLU A 158 -7.05 4.84 -16.98
C GLU A 158 -7.59 3.78 -17.94
N PRO A 159 -6.76 2.77 -18.29
CA PRO A 159 -5.36 2.58 -17.91
C PRO A 159 -4.39 2.79 -19.07
N VAL A 160 -3.09 2.67 -18.77
CA VAL A 160 -2.06 2.56 -19.79
C VAL A 160 -1.23 1.33 -19.46
N THR A 161 -0.70 0.68 -20.49
CA THR A 161 0.24 -0.42 -20.30
C THR A 161 1.61 0.00 -20.81
N VAL A 162 2.64 -0.50 -20.14
CA VAL A 162 4.03 -0.23 -20.50
C VAL A 162 4.77 -1.55 -20.59
N SER A 163 5.48 -1.75 -21.70
CA SER A 163 6.42 -2.85 -21.83
C SER A 163 7.78 -2.28 -22.21
N TRP A 164 8.81 -3.11 -22.14
CA TRP A 164 10.17 -2.71 -22.46
C TRP A 164 10.74 -3.61 -23.54
N ASN A 165 11.35 -3.00 -24.55
CA ASN A 165 11.91 -3.71 -25.70
C ASN A 165 10.92 -4.71 -26.27
N SER A 166 9.67 -4.25 -26.43
CA SER A 166 8.58 -5.02 -27.03
C SER A 166 8.28 -6.31 -26.27
N GLY A 167 8.72 -6.41 -25.02
CA GLY A 167 8.45 -7.58 -24.20
C GLY A 167 9.68 -8.39 -23.82
N ALA A 168 10.82 -8.17 -24.49
CA ALA A 168 11.99 -9.01 -24.23
C ALA A 168 12.66 -8.69 -22.90
N LEU A 169 12.32 -7.56 -22.27
CA LEU A 169 12.91 -7.16 -21.00
C LEU A 169 11.80 -7.04 -19.96
N THR A 170 11.76 -8.01 -19.04
CA THR A 170 10.80 -7.98 -17.93
C THR A 170 11.43 -8.11 -16.56
N SER A 171 12.63 -8.69 -16.46
CA SER A 171 13.32 -8.81 -15.18
C SER A 171 13.71 -7.42 -14.67
N GLY A 172 13.22 -7.07 -13.48
CA GLY A 172 13.58 -5.83 -12.85
C GLY A 172 12.74 -4.63 -13.24
N VAL A 173 11.62 -4.84 -13.92
CA VAL A 173 10.73 -3.75 -14.33
C VAL A 173 9.76 -3.44 -13.21
N HIS A 174 9.65 -2.17 -12.86
CA HIS A 174 8.63 -1.68 -11.92
C HIS A 174 7.82 -0.60 -12.61
N THR A 175 6.54 -0.88 -12.85
CA THR A 175 5.60 0.12 -13.33
C THR A 175 4.72 0.54 -12.16
N PHE A 176 4.74 1.82 -11.83
CA PHE A 176 4.08 2.28 -10.62
C PHE A 176 2.59 2.52 -10.85
N PRO A 177 1.77 2.36 -9.81
CA PRO A 177 0.36 2.76 -9.94
C PRO A 177 0.25 4.23 -10.28
N ALA A 178 -0.75 4.55 -11.09
CA ALA A 178 -0.94 5.93 -11.52
C ALA A 178 -1.37 6.80 -10.35
N VAL A 179 -1.02 8.08 -10.42
CA VAL A 179 -1.48 9.08 -9.48
C VAL A 179 -2.27 10.11 -10.26
N LEU A 180 -3.34 10.61 -9.64
CA LEU A 180 -4.17 11.64 -10.23
C LEU A 180 -3.62 13.01 -9.85
N GLN A 181 -3.35 13.83 -10.86
CA GLN A 181 -2.81 15.16 -10.64
C GLN A 181 -3.93 16.18 -10.47
N SER A 182 -3.55 17.36 -9.98
CA SER A 182 -4.52 18.42 -9.74
C SER A 182 -5.26 18.84 -11.00
N SER A 183 -4.75 18.48 -12.18
CA SER A 183 -5.40 18.80 -13.44
C SER A 183 -6.50 17.81 -13.80
N GLY A 184 -6.68 16.74 -13.03
CA GLY A 184 -7.58 15.68 -13.41
C GLY A 184 -7.00 14.66 -14.35
N LEU A 185 -5.71 14.77 -14.70
CA LEU A 185 -5.04 13.82 -15.57
C LEU A 185 -4.13 12.91 -14.75
N TYR A 186 -3.99 11.68 -15.22
CA TYR A 186 -3.15 10.71 -14.54
C TYR A 186 -1.71 10.77 -15.04
N SER A 187 -0.80 10.26 -14.22
CA SER A 187 0.61 10.20 -14.57
C SER A 187 1.25 9.02 -13.84
N LEU A 188 2.17 8.35 -14.51
CA LEU A 188 2.92 7.27 -13.88
C LEU A 188 4.29 7.18 -14.52
N SER A 189 5.18 6.41 -13.88
CA SER A 189 6.50 6.11 -14.41
CA SER A 189 6.49 6.11 -14.43
C SER A 189 6.70 4.59 -14.44
N SER A 190 7.51 4.14 -15.38
CA SER A 190 7.96 2.76 -15.42
C SER A 190 9.48 2.80 -15.42
N VAL A 191 10.10 1.98 -14.57
CA VAL A 191 11.54 1.95 -14.41
C VAL A 191 12.05 0.53 -14.51
N VAL A 192 13.35 0.41 -14.74
CA VAL A 192 14.00 -0.90 -14.85
C VAL A 192 15.47 -0.71 -14.51
N THR A 193 16.02 -1.67 -13.78
CA THR A 193 17.44 -1.67 -13.43
C THR A 193 18.19 -2.56 -14.41
N VAL A 194 19.32 -2.07 -14.92
CA VAL A 194 20.07 -2.73 -15.97
C VAL A 194 21.54 -2.73 -15.60
N PRO A 195 22.34 -3.63 -16.18
CA PRO A 195 23.79 -3.56 -16.00
C PRO A 195 24.34 -2.22 -16.47
N SER A 196 25.04 -1.52 -15.56
CA SER A 196 25.59 -0.22 -15.90
C SER A 196 26.59 -0.30 -17.05
N SER A 197 27.23 -1.45 -17.25
CA SER A 197 28.18 -1.62 -18.34
C SER A 197 27.51 -1.67 -19.71
N SER A 198 26.19 -1.78 -19.78
CA SER A 198 25.47 -1.84 -21.05
C SER A 198 24.94 -0.49 -21.51
N LEU A 199 25.05 0.54 -20.68
CA LEU A 199 24.51 1.85 -21.05
C LEU A 199 25.29 2.43 -22.22
N GLY A 200 24.55 3.12 -23.10
CA GLY A 200 25.15 3.71 -24.28
C GLY A 200 25.32 2.79 -25.47
N THR A 201 25.40 1.48 -25.24
CA THR A 201 25.51 0.51 -26.31
C THR A 201 24.27 -0.35 -26.48
N GLN A 202 23.67 -0.81 -25.37
CA GLN A 202 22.42 -1.55 -25.45
C GLN A 202 21.24 -0.59 -25.56
N THR A 203 20.31 -0.89 -26.47
CA THR A 203 19.16 -0.05 -26.71
C THR A 203 18.01 -0.43 -25.78
N TYR A 204 17.41 0.56 -25.13
CA TYR A 204 16.27 0.35 -24.25
C TYR A 204 15.11 1.23 -24.72
N ILE A 205 13.96 0.61 -24.96
CA ILE A 205 12.78 1.28 -25.49
C ILE A 205 11.57 0.86 -24.67
N CYS A 206 10.84 1.83 -24.15
CA CYS A 206 9.57 1.54 -23.49
C CYS A 206 8.44 1.70 -24.50
N ASN A 207 7.52 0.73 -24.51
CA ASN A 207 6.38 0.71 -25.42
C ASN A 207 5.13 1.06 -24.62
N VAL A 208 4.61 2.27 -24.83
CA VAL A 208 3.47 2.77 -24.09
C VAL A 208 2.23 2.67 -24.96
N ASN A 209 1.18 2.06 -24.42
CA ASN A 209 -0.10 1.92 -25.11
C ASN A 209 -1.21 2.45 -24.22
N HIS A 210 -2.14 3.21 -24.81
CA HIS A 210 -3.27 3.80 -24.11
C HIS A 210 -4.50 3.63 -25.02
N LYS A 211 -5.24 2.54 -24.80
CA LYS A 211 -6.33 2.20 -25.71
C LYS A 211 -7.43 3.26 -25.79
N PRO A 212 -7.84 3.94 -24.71
CA PRO A 212 -8.94 4.92 -24.86
C PRO A 212 -8.68 5.99 -25.91
N SER A 213 -7.43 6.30 -26.20
CA SER A 213 -7.09 7.31 -27.19
C SER A 213 -6.33 6.74 -28.39
N ASN A 214 -6.13 5.42 -28.44
CA ASN A 214 -5.37 4.76 -29.50
C ASN A 214 -3.93 5.27 -29.58
N THR A 215 -3.35 5.61 -28.44
CA THR A 215 -1.99 6.10 -28.38
C THR A 215 -1.01 4.93 -28.27
N LYS A 216 0.01 4.94 -29.13
CA LYS A 216 1.14 4.02 -29.04
C LYS A 216 2.41 4.84 -29.22
N VAL A 217 3.32 4.77 -28.25
CA VAL A 217 4.58 5.51 -28.29
C VAL A 217 5.71 4.55 -27.95
N ASP A 218 6.73 4.50 -28.81
CA ASP A 218 7.98 3.79 -28.53
C ASP A 218 9.05 4.84 -28.25
N LYS A 219 9.45 4.95 -26.99
CA LYS A 219 10.42 5.96 -26.56
C LYS A 219 11.76 5.31 -26.29
N LYS A 220 12.78 5.72 -27.04
CA LYS A 220 14.13 5.28 -26.77
C LYS A 220 14.72 6.10 -25.63
N VAL A 221 15.35 5.43 -24.67
CA VAL A 221 15.91 6.06 -23.49
C VAL A 221 17.42 5.96 -23.60
N GLU A 222 18.08 7.11 -23.80
CA GLU A 222 19.53 7.12 -23.94
C GLU A 222 20.19 7.80 -22.74
N PRO A 223 21.41 7.42 -22.40
CA PRO A 223 22.08 8.03 -21.24
C PRO A 223 22.50 9.47 -21.52
N LYS A 224 22.88 10.16 -20.45
CA LYS A 224 23.35 11.54 -20.55
C LYS A 224 24.85 11.62 -20.31
N VAL B 2 18.97 14.33 24.26
CA VAL B 2 18.95 12.87 24.39
C VAL B 2 20.37 12.31 24.29
N GLN B 3 20.72 11.45 25.24
CA GLN B 3 22.01 10.76 25.25
C GLN B 3 21.78 9.26 25.29
N LEU B 4 22.53 8.53 24.46
CA LEU B 4 22.48 7.08 24.42
C LEU B 4 23.81 6.51 24.89
N UNK B 5 23.75 5.41 25.61
CA UNK B 5 24.97 4.74 26.09
C UNK B 5 24.80 3.24 25.96
N UNK B 6 25.64 2.61 25.14
CA UNK B 6 25.64 1.18 24.95
C UNK B 6 26.55 0.50 25.96
N SER B 7 26.22 -0.76 26.28
CA SER B 7 27.01 -1.57 27.19
C SER B 7 26.74 -3.03 26.87
N GLY B 8 27.55 -3.92 27.45
CA GLY B 8 27.34 -5.34 27.32
C GLY B 8 28.25 -6.04 26.33
N GLY B 9 29.09 -5.31 25.60
CA GLY B 9 30.00 -5.93 24.67
C GLY B 9 31.19 -6.56 25.37
N GLY B 10 31.99 -7.29 24.59
CA GLY B 10 33.19 -7.89 25.12
C GLY B 10 33.64 -9.04 24.22
N UNK B 11 34.57 -9.81 24.75
CA UNK B 11 35.18 -10.93 24.03
C UNK B 11 34.38 -12.20 24.29
N VAL B 12 33.97 -12.87 23.21
CA VAL B 12 33.16 -14.08 23.31
C VAL B 12 33.66 -15.10 22.30
N GLN B 13 33.51 -16.38 22.64
CA GLN B 13 33.92 -17.48 21.79
C GLN B 13 32.91 -17.73 20.68
N UNK B 14 33.34 -18.34 19.57
CA UNK B 14 32.38 -18.71 18.52
C UNK B 14 31.29 -19.62 19.07
N GLY B 15 30.04 -19.28 18.74
CA GLY B 15 28.89 -19.97 19.28
C GLY B 15 28.40 -19.43 20.61
N UNK B 16 29.15 -18.53 21.24
CA UNK B 16 28.74 -17.95 22.50
C UNK B 16 27.63 -16.93 22.34
N SER B 17 27.21 -16.38 23.47
CA SER B 17 26.11 -15.42 23.50
C SER B 17 26.54 -14.15 24.23
N LEU B 18 25.89 -13.05 23.85
CA LEU B 18 26.04 -11.76 24.53
C LEU B 18 24.71 -11.04 24.48
N UNK B 19 24.57 -10.04 25.35
CA UNK B 19 23.39 -9.18 25.34
C UNK B 19 23.84 -7.74 25.50
N LEU B 20 23.59 -6.94 24.48
CA LEU B 20 23.90 -5.52 24.52
C LEU B 20 22.71 -4.74 25.05
N SER B 21 23.00 -3.64 25.73
CA SER B 21 21.97 -2.76 26.26
C SER B 21 22.23 -1.34 25.75
N CYS B 22 21.15 -0.59 25.61
CA CYS B 22 21.23 0.81 25.16
C CYS B 22 20.30 1.61 26.05
N UNK B 23 20.86 2.29 27.04
CA UNK B 23 20.09 3.15 27.92
C UNK B 23 20.02 4.56 27.36
N ALA B 24 18.86 5.18 27.51
CA ALA B 24 18.64 6.56 27.07
C ALA B 24 18.29 7.42 28.27
N UNK B 25 18.78 8.66 28.26
CA UNK B 25 18.53 9.61 29.34
C UNK B 25 17.71 10.78 28.84
N UNK B 26 16.85 11.32 29.71
CA UNK B 26 16.02 12.45 29.37
C UNK B 26 14.72 12.07 28.69
N UNK B 27 14.71 12.17 27.35
CA UNK B 27 13.50 11.91 26.58
C UNK B 27 13.04 10.46 26.78
N UNK B 28 11.74 10.29 27.04
CA UNK B 28 11.16 8.95 27.13
C UNK B 28 11.04 8.36 25.75
N UNK B 29 11.68 7.21 25.54
CA UNK B 29 11.83 6.63 24.21
C UNK B 29 10.70 5.64 23.92
N UNK B 30 9.73 5.56 24.83
CA UNK B 30 8.64 4.61 24.67
C UNK B 30 7.92 4.78 23.34
N UNK B 31 7.83 6.00 22.83
CA UNK B 31 7.14 6.27 21.57
C UNK B 31 8.03 6.16 20.34
N UNK B 32 9.32 5.86 20.52
CA UNK B 32 10.28 5.92 19.43
C UNK B 32 10.90 4.57 19.18
N UNK B 33 11.10 4.24 17.91
CA UNK B 33 11.86 3.05 17.55
C UNK B 33 13.33 3.24 17.89
N UNK B 34 13.97 2.15 18.28
CA UNK B 34 15.41 2.11 18.54
C UNK B 34 16.04 1.06 17.66
N UNK B 35 17.15 1.41 17.00
CA UNK B 35 17.82 0.52 16.07
C UNK B 35 19.24 0.25 16.52
N TRP B 36 19.76 -0.90 16.11
CA TRP B 36 21.15 -1.26 16.30
C TRP B 36 21.86 -1.28 14.96
N UNK B 37 23.05 -0.68 14.91
CA UNK B 37 23.94 -0.75 13.77
C UNK B 37 25.29 -1.25 14.23
N ARG B 38 26.09 -1.76 13.29
CA ARG B 38 27.44 -2.21 13.62
C ARG B 38 28.42 -1.79 12.54
N GLN B 39 29.68 -1.64 12.92
CA GLN B 39 30.73 -1.27 11.99
C GLN B 39 31.99 -2.06 12.32
N UNK B 40 32.53 -2.73 11.32
CA UNK B 40 33.83 -3.37 11.39
C UNK B 40 34.86 -2.52 10.65
N PRO B 41 36.15 -2.65 10.97
CA PRO B 41 37.15 -1.85 10.27
C PRO B 41 37.14 -2.13 8.78
N GLY B 42 37.23 -1.07 7.98
CA GLY B 42 37.21 -1.17 6.54
C GLY B 42 35.84 -1.13 5.90
N UNK B 43 34.77 -1.26 6.68
CA UNK B 43 33.42 -1.31 6.16
C UNK B 43 32.61 -0.11 6.64
N UNK B 44 31.46 0.09 6.03
CA UNK B 44 30.55 1.16 6.43
C UNK B 44 29.61 0.64 7.51
N ARG B 45 28.97 1.59 8.21
CA ARG B 45 27.99 1.23 9.22
C ARG B 45 26.88 0.40 8.58
N GLU B 46 26.45 -0.64 9.28
CA GLU B 46 25.55 -1.64 8.72
C GLU B 46 24.39 -1.88 9.67
N UNK B 47 23.17 -1.83 9.12
CA UNK B 47 21.97 -2.06 9.92
C UNK B 47 21.96 -3.47 10.49
N VAL B 48 21.49 -3.60 11.73
CA VAL B 48 21.39 -4.88 12.41
C VAL B 48 19.94 -5.23 12.74
N UNK B 49 19.24 -4.34 13.45
CA UNK B 49 17.91 -4.64 13.96
C UNK B 49 17.25 -3.34 14.39
N UNK B 50 15.92 -3.36 14.39
CA UNK B 50 15.13 -2.23 14.88
C UNK B 50 14.02 -2.77 15.77
N UNK B 51 13.89 -2.19 16.96
CA UNK B 51 12.75 -2.43 17.84
C UNK B 51 11.84 -1.20 17.76
N UNK B 52 10.70 -1.35 17.09
CA UNK B 52 9.69 -0.31 17.05
C UNK B 52 8.93 -0.29 18.38
N UNK B 53 7.91 0.55 18.48
CA UNK B 53 7.09 0.57 19.68
C UNK B 53 6.53 -0.82 19.96
N UNK B 54 6.34 -1.11 21.24
CA UNK B 54 5.73 -2.37 21.66
C UNK B 54 4.39 -2.55 20.97
N UNK B 55 4.23 -3.67 20.27
CA UNK B 55 3.08 -3.93 19.44
C UNK B 55 3.32 -3.73 17.96
N UNK B 56 4.36 -2.98 17.59
CA UNK B 56 4.66 -2.68 16.19
C UNK B 56 5.76 -3.56 15.63
N UNK B 57 6.32 -4.46 16.42
CA UNK B 57 7.19 -5.50 15.91
C UNK B 57 8.66 -5.12 15.86
N UNK B 58 9.44 -6.08 15.42
CA UNK B 58 10.88 -5.95 15.27
C UNK B 58 11.29 -6.47 13.91
N UNK B 59 12.26 -5.81 13.29
CA UNK B 59 12.75 -6.20 11.97
C UNK B 59 14.26 -6.35 12.02
N UNK B 60 14.80 -7.26 11.20
CA UNK B 60 16.20 -7.66 11.31
C UNK B 60 16.89 -7.66 9.95
N UNK B 61 18.22 -7.60 9.99
CA UNK B 61 19.05 -7.74 8.80
C UNK B 61 19.21 -9.22 8.44
N ASP B 62 19.43 -9.47 7.14
CA ASP B 62 19.59 -10.84 6.63
C ASP B 62 20.64 -11.61 7.40
N SER B 63 21.77 -10.96 7.73
CA SER B 63 22.90 -11.67 8.32
C SER B 63 22.66 -12.10 9.76
N UNK B 64 21.66 -11.55 10.45
CA UNK B 64 21.43 -11.85 11.86
C UNK B 64 20.05 -12.43 12.13
N UNK B 65 19.23 -12.60 11.09
CA UNK B 65 17.90 -13.18 11.28
C UNK B 65 17.99 -14.58 11.87
N GLY B 66 17.25 -14.81 12.95
CA GLY B 66 17.24 -16.08 13.62
C GLY B 66 18.25 -16.22 14.75
N ARG B 67 19.26 -15.35 14.80
CA ARG B 67 20.28 -15.40 15.84
C ARG B 67 20.21 -14.24 16.81
N PHE B 68 19.76 -13.06 16.37
CA PHE B 68 19.66 -11.90 17.24
C PHE B 68 18.18 -11.62 17.53
N THR B 69 17.93 -11.02 18.69
CA THR B 69 16.57 -10.63 19.09
C THR B 69 16.65 -9.31 19.84
N UNK B 70 15.81 -8.35 19.44
CA UNK B 70 15.71 -7.08 20.15
C UNK B 70 14.51 -7.13 21.08
N SER B 71 14.61 -6.38 22.18
CA SER B 71 13.53 -6.25 23.14
C SER B 71 13.64 -4.89 23.79
N UNK B 72 12.56 -4.49 24.48
CA UNK B 72 12.46 -3.17 25.08
C UNK B 72 12.14 -3.30 26.56
N ASP B 73 12.65 -2.33 27.33
CA ASP B 73 12.30 -2.16 28.74
C ASP B 73 11.92 -0.68 28.88
N UNK B 74 10.71 -0.33 28.42
CA UNK B 74 10.28 1.06 28.41
C UNK B 74 10.26 1.68 29.79
N UNK B 75 10.02 0.87 30.84
CA UNK B 75 10.06 1.39 32.19
C UNK B 75 11.45 1.91 32.55
N UNK B 76 12.50 1.29 32.03
CA UNK B 76 13.87 1.70 32.29
C UNK B 76 14.48 2.49 31.14
N UNK B 77 13.69 2.83 30.11
CA UNK B 77 14.17 3.59 28.95
C UNK B 77 15.34 2.88 28.26
N UNK B 78 15.26 1.56 28.16
CA UNK B 78 16.36 0.75 27.66
C UNK B 78 15.87 -0.23 26.61
N UNK B 79 16.73 -0.51 25.62
CA UNK B 79 16.46 -1.56 24.65
C UNK B 79 17.68 -2.49 24.63
N UNK B 80 17.44 -3.71 24.15
CA UNK B 80 18.43 -4.77 24.26
C UNK B 80 18.61 -5.47 22.93
N LEU B 81 19.80 -6.03 22.73
CA LEU B 81 20.11 -6.87 21.58
C LEU B 81 20.66 -8.17 22.11
N GLN B 82 19.83 -9.21 22.14
CA GLN B 82 20.30 -10.54 22.50
C GLN B 82 20.99 -11.18 21.31
N UNK B 83 22.25 -11.56 21.47
CA UNK B 83 23.06 -12.09 20.39
C UNK B 83 23.45 -13.51 20.72
N UNK B 84 22.90 -14.47 19.96
CA UNK B 84 23.21 -15.88 20.13
C UNK B 84 23.96 -16.42 18.92
N UNK B 85 24.64 -17.56 19.13
CA UNK B 85 25.33 -18.28 18.06
C UNK B 85 26.28 -17.36 17.30
N LEU B 86 27.10 -16.62 18.06
CA LEU B 86 27.94 -15.60 17.48
C LEU B 86 29.02 -16.22 16.58
N UNK B 87 29.36 -15.50 15.52
CA UNK B 87 30.33 -15.92 14.52
C UNK B 87 31.41 -14.85 14.39
N UNK B 88 32.62 -15.23 13.94
CA UNK B 88 33.68 -14.22 13.75
C UNK B 88 33.23 -13.03 12.92
N UNK B 89 32.34 -13.25 11.95
CA UNK B 89 31.82 -12.17 11.12
C UNK B 89 31.04 -11.13 11.92
N ASP B 90 30.57 -11.47 13.12
CA ASP B 90 29.81 -10.54 13.96
C ASP B 90 30.70 -9.58 14.72
N UNK B 91 32.02 -9.73 14.63
CA UNK B 91 32.94 -8.80 15.29
C UNK B 91 32.78 -7.41 14.72
N ALA B 92 32.54 -6.43 15.60
CA ALA B 92 32.31 -5.04 15.22
C ALA B 92 32.05 -4.25 16.49
N UNK B 93 32.04 -2.93 16.34
CA UNK B 93 31.49 -2.04 17.34
C UNK B 93 30.01 -1.83 17.03
N TYR B 94 29.17 -1.94 18.06
CA TYR B 94 27.72 -1.89 17.91
C TYR B 94 27.18 -0.58 18.47
N TYR B 95 26.33 0.08 17.69
CA TYR B 95 25.75 1.38 18.04
C TYR B 95 24.24 1.28 18.07
N CYS B 96 23.61 2.00 18.99
CA CYS B 96 22.17 2.19 18.96
C CYS B 96 21.85 3.62 18.55
N UNK B 97 20.68 3.78 17.93
CA UNK B 97 20.21 5.07 17.46
C UNK B 97 18.71 5.14 17.64
N UNK B 98 18.20 6.30 18.02
CA UNK B 98 16.77 6.52 18.13
C UNK B 98 16.26 7.09 16.82
N UNK B 99 15.16 6.53 16.31
CA UNK B 99 14.45 7.09 15.18
C UNK B 99 13.51 8.17 15.71
N UNK B 100 13.86 9.44 15.51
CA UNK B 100 13.05 10.53 16.05
C UNK B 100 11.74 10.72 15.29
N UNK B 101 11.49 9.98 14.21
CA UNK B 101 10.21 10.02 13.51
C UNK B 101 9.33 8.91 14.07
N UNK B 102 8.25 9.29 14.76
CA UNK B 102 7.34 8.29 15.31
C UNK B 102 6.66 7.47 14.23
N UNK B 103 6.69 7.92 12.97
CA UNK B 103 6.12 7.15 11.87
C UNK B 103 7.17 6.35 11.11
N UNK B 104 8.35 6.17 11.71
CA UNK B 104 9.28 5.09 11.38
C UNK B 104 10.03 5.29 10.06
N UNK B 105 10.26 6.53 9.64
CA UNK B 105 10.97 6.76 8.39
C UNK B 105 12.49 6.69 8.55
N UNK B 106 12.99 6.34 9.72
CA UNK B 106 14.43 6.22 9.91
C UNK B 106 15.19 7.52 10.07
N UNK B 107 14.64 8.47 10.82
CA UNK B 107 15.33 9.74 11.07
C UNK B 107 16.17 9.59 12.33
N UNK B 108 17.37 9.05 12.15
CA UNK B 108 18.28 8.73 13.25
C UNK B 108 19.06 9.98 13.64
N UNK B 109 18.51 10.73 14.58
CA UNK B 109 19.14 12.00 14.98
C UNK B 109 20.23 11.80 16.02
N UNK B 110 20.04 10.87 16.96
CA UNK B 110 20.93 10.71 18.10
C UNK B 110 21.58 9.34 18.05
N TRP B 111 22.90 9.31 18.23
CA TRP B 111 23.69 8.10 18.20
C TRP B 111 24.41 7.90 19.53
N GLY B 112 24.64 6.64 19.90
CA GLY B 112 25.46 6.31 21.05
C GLY B 112 26.93 6.25 20.68
N UNK B 113 27.75 5.99 21.70
CA UNK B 113 29.19 5.98 21.50
C UNK B 113 29.72 4.60 21.09
N GLY B 114 28.96 3.54 21.30
CA GLY B 114 29.33 2.24 20.79
C GLY B 114 29.82 1.31 21.89
N THR B 115 29.65 0.01 21.65
CA THR B 115 30.20 -1.03 22.51
C THR B 115 30.84 -2.10 21.63
N UNK B 116 31.98 -2.61 22.07
CA UNK B 116 32.85 -3.44 21.24
C UNK B 116 32.54 -4.92 21.42
N VAL B 117 32.37 -5.63 20.31
CA VAL B 117 32.13 -7.07 20.32
C VAL B 117 33.23 -7.75 19.51
N THR B 118 33.85 -8.74 20.14
CA THR B 118 34.94 -9.49 19.46
C THR B 118 34.65 -10.99 19.59
N VAL B 119 34.53 -11.69 18.46
CA VAL B 119 34.20 -13.11 18.43
C VAL B 119 35.42 -13.86 17.90
N SER B 120 36.10 -14.61 18.77
CA SER B 120 37.23 -15.43 18.35
C SER B 120 37.52 -16.55 19.34
N ASP C 1 -25.33 7.00 13.29
CA ASP C 1 -24.53 6.21 12.35
C ASP C 1 -23.39 5.50 13.10
N ILE C 2 -23.37 4.17 12.99
CA ILE C 2 -22.44 3.36 13.76
C ILE C 2 -21.05 3.45 13.15
N GLN C 3 -20.08 3.91 13.93
CA GLN C 3 -18.69 3.99 13.51
C GLN C 3 -17.98 2.67 13.81
N MET C 4 -17.15 2.23 12.87
CA MET C 4 -16.35 1.02 13.01
C MET C 4 -14.87 1.37 12.95
N THR C 5 -14.07 0.72 13.80
CA THR C 5 -12.63 0.96 13.92
C THR C 5 -11.88 -0.37 13.90
N GLN C 6 -10.92 -0.49 12.99
CA GLN C 6 -10.09 -1.69 12.89
C GLN C 6 -8.65 -1.36 13.25
N SER C 7 -8.05 -2.22 14.07
CA SER C 7 -6.65 -2.11 14.45
C SER C 7 -6.01 -3.49 14.37
N PRO C 8 -4.75 -3.59 13.92
CA PRO C 8 -3.99 -2.46 13.37
C PRO C 8 -4.31 -2.26 11.90
N SER C 9 -3.86 -1.15 11.29
CA SER C 9 -4.11 -0.96 9.87
C SER C 9 -3.20 -1.84 9.01
N THR C 10 -1.99 -2.10 9.48
CA THR C 10 -1.05 -2.98 8.80
C THR C 10 -0.35 -3.83 9.84
N LEU C 11 -0.32 -5.14 9.60
CA LEU C 11 0.41 -6.09 10.43
C LEU C 11 1.41 -6.82 9.57
N SER C 12 2.68 -6.75 9.94
CA SER C 12 3.73 -7.49 9.26
C SER C 12 3.85 -8.86 9.92
N THR C 13 3.64 -9.92 9.15
CA THR C 13 3.48 -11.24 9.74
C THR C 13 4.09 -12.28 8.81
N SER C 14 4.19 -13.50 9.31
CA SER C 14 4.89 -14.57 8.62
C SER C 14 4.04 -15.83 8.59
N VAL C 15 4.37 -16.72 7.64
CA VAL C 15 3.67 -17.98 7.53
C VAL C 15 3.86 -18.78 8.81
N GLY C 16 2.75 -19.32 9.33
CA GLY C 16 2.77 -20.07 10.57
C GLY C 16 2.50 -19.25 11.81
N ASP C 17 2.39 -17.93 11.70
CA ASP C 17 2.11 -17.10 12.87
C ASP C 17 0.65 -17.20 13.26
N ARG C 18 0.39 -17.00 14.55
CA ARG C 18 -0.97 -16.81 15.06
C ARG C 18 -1.30 -15.33 15.01
N VAL C 19 -2.32 -14.96 14.25
CA VAL C 19 -2.65 -13.56 13.97
C VAL C 19 -4.02 -13.26 14.55
N THR C 20 -4.13 -12.12 15.22
CA THR C 20 -5.40 -11.62 15.75
C THR C 20 -5.54 -10.15 15.39
N ILE C 21 -6.65 -9.80 14.74
CA ILE C 21 -6.97 -8.42 14.41
C ILE C 21 -8.29 -8.07 15.09
N THR C 22 -8.46 -6.78 15.41
CA THR C 22 -9.60 -6.36 16.21
C THR C 22 -10.45 -5.35 15.47
N CYS C 23 -11.74 -5.35 15.80
CA CYS C 23 -12.72 -4.45 15.21
C CYS C 23 -13.63 -3.98 16.33
N ARG C 24 -13.92 -2.68 16.36
CA ARG C 24 -14.76 -2.12 17.42
C ARG C 24 -15.82 -1.20 16.83
N ALA C 25 -16.98 -1.20 17.48
CA ALA C 25 -18.13 -0.41 17.07
C ALA C 25 -18.45 0.64 18.11
N SER C 26 -18.96 1.78 17.64
CA SER C 26 -19.25 2.91 18.53
C SER C 26 -20.42 2.63 19.47
N GLN C 27 -21.27 1.67 19.14
CA GLN C 27 -22.34 1.25 20.04
C GLN C 27 -22.57 -0.24 19.86
N SER C 28 -23.43 -0.80 20.70
CA SER C 28 -23.63 -2.24 20.70
C SER C 28 -24.29 -2.68 19.41
N ILE C 29 -23.68 -3.67 18.76
CA ILE C 29 -24.22 -4.27 17.55
C ILE C 29 -24.55 -5.76 17.79
N SER C 30 -24.61 -6.17 19.06
CA SER C 30 -24.89 -7.56 19.46
C SER C 30 -23.86 -8.44 18.75
N ASN C 31 -24.26 -9.50 18.05
CA ASN C 31 -23.34 -10.34 17.30
C ASN C 31 -23.43 -10.12 15.79
N TRP C 32 -24.04 -9.02 15.36
CA TRP C 32 -24.27 -8.78 13.93
C TRP C 32 -23.02 -8.16 13.29
N LEU C 33 -21.98 -8.98 13.17
CA LEU C 33 -20.72 -8.55 12.60
C LEU C 33 -20.23 -9.58 11.60
N ALA C 34 -19.83 -9.13 10.42
CA ALA C 34 -19.28 -9.98 9.38
C ALA C 34 -17.84 -9.60 9.08
N TRP C 35 -17.05 -10.58 8.63
CA TRP C 35 -15.67 -10.39 8.24
C TRP C 35 -15.51 -10.74 6.77
N TYR C 36 -14.92 -9.82 6.00
CA TYR C 36 -14.70 -10.02 4.58
C TYR C 36 -13.20 -9.95 4.29
N GLN C 37 -12.75 -10.79 3.37
CA GLN C 37 -11.37 -10.84 2.91
C GLN C 37 -11.31 -10.31 1.48
N GLN C 38 -10.30 -9.49 1.19
CA GLN C 38 -10.10 -8.96 -0.16
C GLN C 38 -8.64 -9.06 -0.54
N LYS C 39 -8.37 -9.68 -1.64
CA LYS C 39 -7.08 -9.76 -2.27
C LYS C 39 -6.96 -8.70 -3.36
N PRO C 40 -5.75 -8.22 -3.63
CA PRO C 40 -5.60 -7.07 -4.53
C PRO C 40 -6.18 -7.35 -5.92
N GLY C 41 -6.88 -6.36 -6.45
CA GLY C 41 -7.54 -6.49 -7.74
C GLY C 41 -8.70 -7.46 -7.77
N LYS C 42 -9.20 -7.89 -6.61
CA LYS C 42 -10.20 -8.94 -6.54
C LYS C 42 -11.36 -8.50 -5.65
N ALA C 43 -12.49 -9.15 -5.83
CA ALA C 43 -13.69 -8.82 -5.07
C ALA C 43 -13.58 -9.35 -3.64
N PRO C 44 -14.24 -8.69 -2.69
CA PRO C 44 -14.26 -9.20 -1.32
C PRO C 44 -14.99 -10.53 -1.23
N LYS C 45 -14.64 -11.29 -0.18
CA LYS C 45 -15.18 -12.62 0.03
C LYS C 45 -15.51 -12.79 1.51
N LEU C 46 -16.69 -13.36 1.77
CA LEU C 46 -17.18 -13.52 3.14
C LEU C 46 -16.42 -14.62 3.86
N LEU C 47 -15.92 -14.31 5.05
CA LEU C 47 -15.25 -15.30 5.90
C LEU C 47 -16.11 -15.73 7.08
N ILE C 48 -16.67 -14.77 7.83
CA ILE C 48 -17.36 -15.04 9.07
C ILE C 48 -18.57 -14.12 9.16
N TYR C 49 -19.70 -14.66 9.63
CA TYR C 49 -20.87 -13.87 9.95
C TYR C 49 -21.33 -14.23 11.36
N LYS C 50 -22.27 -13.44 11.88
CA LYS C 50 -22.74 -13.59 13.27
C LYS C 50 -21.57 -13.60 14.25
N ALA C 51 -20.52 -12.84 13.93
CA ALA C 51 -19.33 -12.65 14.75
C ALA C 51 -18.43 -13.88 14.82
N SER C 52 -19.01 -15.09 14.82
CA SER C 52 -18.19 -16.27 15.05
C SER C 52 -18.54 -17.48 14.19
N THR C 53 -19.47 -17.36 13.24
CA THR C 53 -19.84 -18.49 12.39
C THR C 53 -19.06 -18.44 11.08
N LEU C 54 -18.35 -19.52 10.78
CA LEU C 54 -17.56 -19.62 9.56
C LEU C 54 -18.47 -19.88 8.36
N GLU C 55 -18.33 -19.07 7.32
CA GLU C 55 -18.98 -19.37 6.05
C GLU C 55 -18.47 -20.70 5.51
N SER C 56 -19.36 -21.42 4.82
CA SER C 56 -18.97 -22.70 4.24
C SER C 56 -17.84 -22.52 3.24
N GLY C 57 -16.88 -23.45 3.28
CA GLY C 57 -15.70 -23.36 2.45
C GLY C 57 -14.53 -22.64 3.07
N VAL C 58 -14.74 -21.94 4.17
CA VAL C 58 -13.65 -21.20 4.82
C VAL C 58 -12.84 -22.16 5.68
N PRO C 59 -11.52 -22.18 5.54
CA PRO C 59 -10.71 -23.14 6.31
C PRO C 59 -10.83 -22.91 7.81
N SER C 60 -10.60 -23.98 8.57
CA SER C 60 -10.84 -23.98 10.02
C SER C 60 -9.83 -23.14 10.79
N ARG C 61 -8.72 -22.74 10.18
CA ARG C 61 -7.77 -21.89 10.88
C ARG C 61 -8.29 -20.48 11.11
N PHE C 62 -9.42 -20.12 10.51
CA PHE C 62 -10.09 -18.86 10.79
C PHE C 62 -11.09 -19.03 11.92
N SER C 63 -11.15 -18.03 12.80
CA SER C 63 -12.19 -17.98 13.80
C SER C 63 -12.45 -16.53 14.17
N GLY C 64 -13.64 -16.28 14.69
CA GLY C 64 -14.00 -14.97 15.16
C GLY C 64 -14.60 -15.05 16.55
N SER C 65 -14.48 -13.94 17.28
CA SER C 65 -15.03 -13.88 18.62
C SER C 65 -15.46 -12.45 18.90
N GLY C 66 -16.36 -12.30 19.86
CA GLY C 66 -16.81 -10.98 20.27
C GLY C 66 -18.31 -10.82 20.28
N SER C 67 -18.78 -9.83 21.02
CA SER C 67 -20.20 -9.51 21.17
C SER C 67 -20.32 -8.13 21.80
N GLY C 68 -21.28 -7.35 21.33
CA GLY C 68 -21.43 -5.99 21.81
C GLY C 68 -20.64 -5.01 20.97
N THR C 69 -19.48 -4.57 21.48
CA THR C 69 -18.68 -3.56 20.81
C THR C 69 -17.26 -4.01 20.44
N GLU C 70 -16.77 -5.13 20.97
CA GLU C 70 -15.39 -5.57 20.72
C GLU C 70 -15.40 -6.91 20.01
N PHE C 71 -14.66 -6.99 18.91
CA PHE C 71 -14.64 -8.18 18.07
C PHE C 71 -13.22 -8.45 17.59
N THR C 72 -12.92 -9.72 17.37
CA THR C 72 -11.61 -10.13 16.87
C THR C 72 -11.78 -11.20 15.81
N LEU C 73 -10.85 -11.21 14.86
CA LEU C 73 -10.67 -12.29 13.90
C LEU C 73 -9.30 -12.90 14.14
N THR C 74 -9.24 -14.22 14.26
CA THR C 74 -8.00 -14.92 14.53
C THR C 74 -7.70 -15.91 13.42
N ILE C 75 -6.46 -15.91 12.95
CA ILE C 75 -5.93 -16.96 12.08
C ILE C 75 -4.92 -17.74 12.91
N SER C 76 -5.23 -19.01 13.17
CA SER C 76 -4.44 -19.80 14.11
C SER C 76 -3.04 -20.08 13.57
N SER C 77 -2.92 -20.32 12.26
CA SER C 77 -1.62 -20.58 11.65
C SER C 77 -1.66 -20.02 10.24
N LEU C 78 -0.96 -18.91 10.03
CA LEU C 78 -1.08 -18.16 8.79
C LEU C 78 -0.49 -18.93 7.61
N GLN C 79 -1.19 -18.90 6.48
CA GLN C 79 -0.75 -19.49 5.23
C GLN C 79 -0.65 -18.41 4.15
N PRO C 80 0.08 -18.66 3.05
CA PRO C 80 0.34 -17.59 2.09
C PRO C 80 -0.92 -17.03 1.43
N ASP C 81 -1.99 -17.80 1.35
CA ASP C 81 -3.23 -17.29 0.78
C ASP C 81 -3.88 -16.23 1.68
N ASP C 82 -3.50 -16.15 2.94
CA ASP C 82 -4.13 -15.23 3.88
C ASP C 82 -3.54 -13.83 3.86
N PHE C 83 -2.46 -13.60 3.11
CA PHE C 83 -1.92 -12.26 2.95
C PHE C 83 -2.88 -11.46 2.08
N ALA C 84 -3.67 -10.61 2.72
CA ALA C 84 -4.77 -9.89 2.10
C ALA C 84 -5.21 -8.80 3.06
N THR C 85 -6.22 -8.04 2.65
CA THR C 85 -6.83 -7.03 3.50
C THR C 85 -8.16 -7.57 4.04
N TYR C 86 -8.40 -7.37 5.34
CA TYR C 86 -9.58 -7.88 6.03
C TYR C 86 -10.43 -6.72 6.53
N TYR C 87 -11.72 -6.77 6.23
CA TYR C 87 -12.67 -5.74 6.65
C TYR C 87 -13.73 -6.35 7.55
N CYS C 88 -14.09 -5.64 8.62
CA CYS C 88 -15.29 -6.01 9.35
C CYS C 88 -16.46 -5.18 8.85
N GLN C 89 -17.67 -5.66 9.14
CA GLN C 89 -18.87 -4.96 8.73
C GLN C 89 -19.97 -5.23 9.75
N GLN C 90 -20.43 -4.18 10.42
CA GLN C 90 -21.63 -4.29 11.22
C GLN C 90 -22.85 -4.29 10.32
N TYR C 91 -23.81 -5.16 10.62
CA TYR C 91 -25.08 -5.16 9.91
C TYR C 91 -26.22 -5.19 10.91
N SER C 92 -26.07 -4.45 12.00
CA SER C 92 -27.13 -4.27 12.99
C SER C 92 -28.05 -3.10 12.64
N SER C 93 -27.49 -2.01 12.10
CA SER C 93 -28.27 -0.84 11.69
C SER C 93 -27.64 -0.31 10.40
N TYR C 94 -28.28 -0.60 9.28
CA TYR C 94 -27.71 -0.38 7.95
C TYR C 94 -26.41 -1.19 7.86
N TRP C 95 -25.42 -0.67 7.16
CA TRP C 95 -24.18 -1.40 6.91
C TRP C 95 -23.03 -0.41 6.85
N THR C 96 -22.03 -0.58 7.72
CA THR C 96 -20.84 0.24 7.68
C THR C 96 -19.64 -0.69 7.86
N PHE C 97 -18.55 -0.40 7.14
CA PHE C 97 -17.34 -1.20 7.15
C PHE C 97 -16.26 -0.53 7.98
N GLY C 98 -15.35 -1.34 8.52
CA GLY C 98 -14.12 -0.82 9.06
C GLY C 98 -13.16 -0.37 7.96
N GLN C 99 -12.07 0.25 8.39
CA GLN C 99 -11.07 0.76 7.45
C GLN C 99 -10.23 -0.36 6.83
N GLY C 100 -10.26 -1.55 7.42
CA GLY C 100 -9.51 -2.66 6.90
C GLY C 100 -8.17 -2.83 7.58
N THR C 101 -7.74 -4.08 7.68
CA THR C 101 -6.41 -4.44 8.19
C THR C 101 -5.67 -5.23 7.11
N LYS C 102 -4.50 -4.74 6.72
CA LYS C 102 -3.67 -5.41 5.73
C LYS C 102 -2.68 -6.33 6.43
N LEU C 103 -2.72 -7.62 6.11
CA LEU C 103 -1.68 -8.55 6.56
C LEU C 103 -0.55 -8.54 5.54
N GLU C 104 0.62 -8.09 5.97
CA GLU C 104 1.73 -7.80 5.09
C GLU C 104 2.81 -8.85 5.24
N ILE C 105 3.54 -9.13 4.16
CA ILE C 105 4.55 -10.19 4.16
C ILE C 105 5.80 -9.64 4.84
N LYS C 106 6.08 -10.14 6.05
CA LYS C 106 7.30 -9.76 6.75
C LYS C 106 8.52 -10.37 6.08
N ARG C 107 9.61 -9.61 6.01
CA ARG C 107 10.88 -10.10 5.51
C ARG C 107 11.99 -9.30 6.18
N THR C 108 13.24 -9.61 5.83
CA THR C 108 14.35 -8.90 6.42
C THR C 108 14.45 -7.49 5.85
N VAL C 109 15.21 -6.64 6.53
CA VAL C 109 15.33 -5.24 6.14
C VAL C 109 16.21 -5.13 4.92
N ALA C 110 15.84 -4.24 4.00
CA ALA C 110 16.64 -3.91 2.84
C ALA C 110 16.53 -2.41 2.62
N ALA C 111 17.67 -1.73 2.66
CA ALA C 111 17.67 -0.29 2.41
C ALA C 111 17.45 -0.01 0.92
N PRO C 112 16.84 1.12 0.60
CA PRO C 112 16.57 1.43 -0.81
C PRO C 112 17.83 1.83 -1.57
N SER C 113 17.87 1.44 -2.84
CA SER C 113 18.77 2.07 -3.79
C SER C 113 18.10 3.34 -4.29
N VAL C 114 18.84 4.44 -4.33
CA VAL C 114 18.27 5.75 -4.66
C VAL C 114 18.85 6.22 -5.98
N PHE C 115 17.96 6.64 -6.88
CA PHE C 115 18.35 7.15 -8.19
C PHE C 115 17.56 8.42 -8.46
N ILE C 116 18.19 9.36 -9.16
CA ILE C 116 17.52 10.61 -9.53
C ILE C 116 17.58 10.78 -11.04
N PHE C 117 16.53 11.38 -11.61
CA PHE C 117 16.44 11.60 -13.05
C PHE C 117 16.12 13.06 -13.32
N PRO C 118 16.90 13.74 -14.17
CA PRO C 118 16.59 15.13 -14.51
C PRO C 118 15.49 15.21 -15.54
N PRO C 119 14.86 16.37 -15.69
CA PRO C 119 13.84 16.53 -16.74
C PRO C 119 14.45 16.36 -18.11
N SER C 120 13.69 15.74 -19.02
CA SER C 120 14.14 15.60 -20.39
C SER C 120 14.10 16.95 -21.09
N ASP C 121 14.91 17.06 -22.15
CA ASP C 121 14.88 18.27 -22.97
C ASP C 121 13.57 18.40 -23.71
N GLU C 122 12.90 17.28 -24.00
CA GLU C 122 11.63 17.32 -24.70
C GLU C 122 10.54 17.93 -23.82
N GLN C 123 10.47 17.51 -22.56
CA GLN C 123 9.45 18.05 -21.66
C GLN C 123 9.70 19.52 -21.36
N LEU C 124 10.96 19.88 -21.08
CA LEU C 124 11.30 21.28 -20.84
C LEU C 124 10.91 22.16 -22.02
N LYS C 125 11.03 21.63 -23.25
CA LYS C 125 10.59 22.37 -24.42
C LYS C 125 9.09 22.67 -24.39
N SER C 126 8.33 21.93 -23.59
CA SER C 126 6.87 22.08 -23.51
C SER C 126 6.43 23.00 -22.37
N GLY C 127 7.34 23.46 -21.54
CA GLY C 127 7.01 24.38 -20.46
C GLY C 127 6.89 23.77 -19.08
N THR C 128 7.26 22.51 -18.90
CA THR C 128 7.14 21.84 -17.62
C THR C 128 8.42 21.06 -17.34
N ALA C 129 8.76 20.94 -16.06
CA ALA C 129 9.92 20.18 -15.62
C ALA C 129 9.49 19.19 -14.55
N SER C 130 9.66 17.90 -14.82
CA SER C 130 9.41 16.84 -13.85
C SER C 130 10.74 16.21 -13.46
N VAL C 131 11.01 16.16 -12.16
CA VAL C 131 12.20 15.52 -11.62
C VAL C 131 11.75 14.31 -10.82
N VAL C 132 12.40 13.16 -11.05
CA VAL C 132 11.94 11.89 -10.50
C VAL C 132 13.04 11.31 -9.63
N CYS C 133 12.68 10.93 -8.40
CA CYS C 133 13.56 10.23 -7.47
C CYS C 133 12.98 8.82 -7.28
N LEU C 134 13.83 7.81 -7.42
CA LEU C 134 13.40 6.43 -7.35
C LEU C 134 14.08 5.73 -6.18
N LEU C 135 13.27 5.08 -5.34
CA LEU C 135 13.75 4.24 -4.25
C LEU C 135 13.41 2.80 -4.64
N ASN C 136 14.42 1.98 -4.83
CA ASN C 136 14.22 0.65 -5.40
C ASN C 136 14.40 -0.44 -4.34
N ASN C 137 13.43 -1.36 -4.29
CA ASN C 137 13.54 -2.65 -3.60
C ASN C 137 13.95 -2.50 -2.13
N PHE C 138 13.08 -1.87 -1.35
CA PHE C 138 13.35 -1.67 0.06
C PHE C 138 12.28 -2.33 0.93
N TYR C 139 12.64 -2.56 2.19
CA TYR C 139 11.71 -3.09 3.18
C TYR C 139 12.25 -2.73 4.55
N PRO C 140 11.42 -2.28 5.51
CA PRO C 140 9.96 -2.10 5.41
C PRO C 140 9.50 -0.91 4.58
N ARG C 141 8.19 -0.64 4.62
CA ARG C 141 7.58 0.30 3.68
C ARG C 141 7.87 1.76 4.04
N GLU C 142 8.08 2.07 5.30
CA GLU C 142 8.19 3.46 5.72
C GLU C 142 9.49 4.09 5.20
N ALA C 143 9.36 5.24 4.53
CA ALA C 143 10.50 5.97 4.00
C ALA C 143 10.12 7.44 3.91
N LYS C 144 11.13 8.29 3.86
CA LYS C 144 10.92 9.73 3.72
C LYS C 144 11.75 10.24 2.56
N VAL C 145 11.11 10.98 1.66
CA VAL C 145 11.77 11.60 0.52
C VAL C 145 11.59 13.11 0.64
N GLN C 146 12.69 13.83 0.73
CA GLN C 146 12.68 15.28 0.79
C GLN C 146 13.35 15.84 -0.46
N TRP C 147 12.71 16.81 -1.09
CA TRP C 147 13.28 17.51 -2.24
C TRP C 147 13.93 18.81 -1.77
N LYS C 148 15.12 19.07 -2.29
CA LYS C 148 15.84 20.30 -1.97
C LYS C 148 16.29 20.93 -3.27
N VAL C 149 15.90 22.19 -3.48
CA VAL C 149 16.23 22.94 -4.68
C VAL C 149 17.05 24.14 -4.21
N ASP C 150 18.34 24.14 -4.57
CA ASP C 150 19.30 25.07 -3.99
C ASP C 150 19.21 25.06 -2.47
N ASN C 151 19.16 23.83 -1.92
CA ASN C 151 19.21 23.58 -0.49
C ASN C 151 18.01 24.14 0.25
N ALA C 152 16.87 24.24 -0.41
CA ALA C 152 15.62 24.70 0.20
C ALA C 152 14.60 23.59 0.11
N LEU C 153 14.01 23.23 1.24
CA LEU C 153 13.07 22.12 1.28
C LEU C 153 11.78 22.47 0.54
N GLN C 154 11.34 21.56 -0.33
CA GLN C 154 10.13 21.74 -1.11
C GLN C 154 8.92 21.17 -0.38
N SER C 155 7.77 21.80 -0.58
CA SER C 155 6.54 21.40 0.10
C SER C 155 5.36 21.72 -0.81
N GLY C 156 4.59 20.69 -1.16
CA GLY C 156 3.35 20.87 -1.90
C GLY C 156 3.45 20.71 -3.40
N ASN C 157 4.64 20.42 -3.94
CA ASN C 157 4.84 20.31 -5.39
C ASN C 157 5.40 18.95 -5.79
N SER C 158 5.12 17.90 -5.02
CA SER C 158 5.60 16.57 -5.33
C SER C 158 4.52 15.55 -5.03
N GLN C 159 4.61 14.40 -5.68
CA GLN C 159 3.67 13.30 -5.48
C GLN C 159 4.44 11.98 -5.45
N GLU C 160 4.02 11.06 -4.58
CA GLU C 160 4.66 9.77 -4.43
C GLU C 160 3.74 8.64 -4.87
N SER C 161 4.35 7.60 -5.44
CA SER C 161 3.64 6.38 -5.81
C SER C 161 4.46 5.19 -5.34
N VAL C 162 3.77 4.16 -4.85
CA VAL C 162 4.41 2.99 -4.25
C VAL C 162 3.82 1.74 -4.87
N THR C 163 4.68 0.79 -5.24
CA THR C 163 4.23 -0.51 -5.74
C THR C 163 3.75 -1.38 -4.58
N GLU C 164 3.04 -2.45 -4.95
CA GLU C 164 2.76 -3.51 -4.00
C GLU C 164 4.04 -4.30 -3.74
N GLN C 165 4.01 -5.12 -2.69
CA GLN C 165 5.15 -5.98 -2.39
C GLN C 165 5.47 -6.86 -3.59
N ASP C 166 6.73 -6.89 -3.99
CA ASP C 166 7.16 -7.61 -5.18
C ASP C 166 6.91 -9.10 -5.02
N SER C 167 6.39 -9.73 -6.07
CA SER C 167 6.05 -11.15 -6.00
C SER C 167 7.28 -12.01 -5.75
N LYS C 168 8.46 -11.54 -6.16
CA LYS C 168 9.66 -12.36 -6.06
C LYS C 168 10.38 -12.20 -4.72
N ASP C 169 10.51 -10.97 -4.21
CA ASP C 169 11.30 -10.74 -3.00
C ASP C 169 10.58 -9.91 -1.94
N SER C 170 9.32 -9.54 -2.17
CA SER C 170 8.47 -8.92 -1.16
C SER C 170 8.94 -7.51 -0.76
N THR C 171 9.66 -6.83 -1.64
CA THR C 171 10.12 -5.48 -1.39
C THR C 171 9.18 -4.46 -2.04
N TYR C 172 9.36 -3.20 -1.64
CA TYR C 172 8.66 -2.06 -2.19
C TYR C 172 9.60 -1.24 -3.07
N SER C 173 9.03 -0.54 -4.04
CA SER C 173 9.74 0.53 -4.73
C SER C 173 8.87 1.78 -4.69
N LEU C 174 9.52 2.95 -4.66
CA LEU C 174 8.80 4.20 -4.50
C LEU C 174 9.35 5.24 -5.47
N SER C 175 8.44 5.99 -6.07
CA SER C 175 8.80 7.10 -6.93
C SER C 175 8.27 8.40 -6.34
N SER C 176 9.11 9.43 -6.34
CA SER C 176 8.70 10.77 -5.98
C SER C 176 8.97 11.69 -7.16
N THR C 177 7.93 12.41 -7.59
CA THR C 177 8.01 13.24 -8.80
C THR C 177 7.83 14.70 -8.38
N LEU C 178 8.87 15.50 -8.58
CA LEU C 178 8.83 16.93 -8.36
C LEU C 178 8.44 17.62 -9.66
N THR C 179 7.38 18.42 -9.63
CA THR C 179 6.87 19.09 -10.83
C THR C 179 6.96 20.59 -10.65
N LEU C 180 7.64 21.25 -11.57
CA LEU C 180 7.76 22.71 -11.60
C LEU C 180 7.48 23.19 -13.01
N SER C 181 7.22 24.49 -13.14
CA SER C 181 7.16 25.08 -14.46
C SER C 181 8.56 25.28 -15.01
N LYS C 182 8.64 25.43 -16.33
CA LYS C 182 9.94 25.70 -16.96
C LYS C 182 10.58 26.94 -16.37
N ALA C 183 9.78 27.97 -16.08
CA ALA C 183 10.32 29.20 -15.51
C ALA C 183 10.78 28.99 -14.07
N ASP C 184 10.02 28.23 -13.28
CA ASP C 184 10.45 27.90 -11.93
C ASP C 184 11.71 27.03 -11.95
N TYR C 185 11.77 26.08 -12.87
CA TYR C 185 12.91 25.17 -12.92
C TYR C 185 14.19 25.89 -13.28
N GLU C 186 14.12 26.92 -14.11
CA GLU C 186 15.31 27.64 -14.56
C GLU C 186 15.72 28.75 -13.61
N LYS C 187 14.93 29.03 -12.57
CA LYS C 187 15.30 29.99 -11.55
C LYS C 187 16.14 29.38 -10.44
N HIS C 188 16.67 28.16 -10.64
CA HIS C 188 17.46 27.49 -9.63
C HIS C 188 18.50 26.61 -10.31
N LYS C 189 19.38 26.02 -9.50
CA LYS C 189 20.55 25.30 -10.00
C LYS C 189 20.61 23.86 -9.51
N VAL C 190 20.69 23.64 -8.20
CA VAL C 190 20.94 22.31 -7.64
C VAL C 190 19.62 21.66 -7.26
N TYR C 191 19.39 20.45 -7.75
CA TYR C 191 18.17 19.68 -7.49
C TYR C 191 18.56 18.36 -6.85
N ALA C 192 18.05 18.13 -5.63
CA ALA C 192 18.44 16.96 -4.85
C ALA C 192 17.23 16.32 -4.19
N CYS C 193 17.28 14.99 -4.06
CA CYS C 193 16.35 14.28 -3.19
C CYS C 193 17.16 13.58 -2.10
N GLU C 194 16.72 13.77 -0.86
CA GLU C 194 17.34 13.17 0.32
C GLU C 194 16.40 12.12 0.88
N VAL C 195 16.94 10.92 1.15
CA VAL C 195 16.14 9.76 1.49
C VAL C 195 16.58 9.23 2.85
N THR C 196 15.61 8.98 3.72
CA THR C 196 15.84 8.26 4.97
C THR C 196 14.97 7.02 5.02
N HIS C 197 15.51 5.98 5.64
CA HIS C 197 14.87 4.69 5.78
C HIS C 197 15.51 4.02 6.98
N GLN C 198 14.73 3.21 7.71
CA GLN C 198 15.28 2.63 8.93
C GLN C 198 16.47 1.72 8.67
N GLY C 199 16.64 1.27 7.43
CA GLY C 199 17.81 0.49 7.05
C GLY C 199 19.05 1.29 6.72
N LEU C 200 18.97 2.62 6.71
CA LEU C 200 20.08 3.50 6.35
C LEU C 200 20.61 4.19 7.59
N SER C 201 21.91 4.03 7.86
CA SER C 201 22.50 4.71 9.01
C SER C 201 22.54 6.21 8.81
N SER C 202 22.71 6.68 7.58
CA SER C 202 22.76 8.08 7.22
C SER C 202 21.82 8.35 6.05
N PRO C 203 21.28 9.57 5.93
CA PRO C 203 20.42 9.87 4.79
C PRO C 203 21.22 9.82 3.49
N VAL C 204 20.58 9.36 2.42
CA VAL C 204 21.19 9.26 1.11
C VAL C 204 20.68 10.40 0.25
N THR C 205 21.59 11.13 -0.38
CA THR C 205 21.25 12.25 -1.24
C THR C 205 21.79 12.02 -2.64
N LYS C 206 20.91 12.16 -3.64
CA LYS C 206 21.29 12.18 -5.04
C LYS C 206 20.89 13.54 -5.62
N SER C 207 21.77 14.12 -6.43
CA SER C 207 21.57 15.49 -6.89
C SER C 207 22.21 15.68 -8.25
N PHE C 208 21.77 16.72 -8.95
CA PHE C 208 22.40 17.16 -10.18
C PHE C 208 22.31 18.67 -10.28
N ASN C 209 23.15 19.24 -11.13
CA ASN C 209 23.10 20.66 -11.46
C ASN C 209 22.32 20.84 -12.75
N ARG C 210 21.38 21.79 -12.76
CA ARG C 210 20.64 22.08 -13.97
C ARG C 210 21.59 22.44 -15.10
N GLY C 211 21.48 21.73 -16.21
CA GLY C 211 22.39 21.92 -17.32
C GLY C 211 23.48 20.88 -17.38
N GLU C 212 24.00 20.50 -16.21
CA GLU C 212 25.05 19.48 -16.11
C GLU C 212 24.58 18.15 -16.71
N ALA D 2 -39.23 -6.22 8.09
CA ALA D 2 -39.00 -5.27 9.18
C ALA D 2 -38.10 -4.11 8.74
N ASN D 3 -37.15 -3.77 9.62
CA ASN D 3 -36.18 -2.70 9.44
C ASN D 3 -35.31 -2.98 8.21
N PRO D 4 -34.43 -2.06 7.80
CA PRO D 4 -33.61 -2.33 6.61
C PRO D 4 -32.77 -3.59 6.71
N ASN D 5 -32.40 -4.02 7.90
CA ASN D 5 -31.53 -5.19 8.06
C ASN D 5 -32.29 -6.51 8.18
N ALA D 6 -33.61 -6.48 8.10
CA ALA D 6 -34.40 -7.69 8.26
C ALA D 6 -34.34 -8.55 6.99
N ASN D 7 -35.01 -9.70 7.03
CA ASN D 7 -35.03 -10.66 5.93
C ASN D 7 -35.51 -9.99 4.65
N PRO D 8 -34.65 -9.82 3.66
CA PRO D 8 -35.07 -9.29 2.36
C PRO D 8 -35.32 -10.37 1.30
N ASN D 9 -35.28 -11.63 1.69
CA ASN D 9 -35.42 -12.76 0.78
C ASN D 9 -36.85 -13.29 0.81
N ALA D 10 -37.16 -14.17 -0.14
CA ALA D 10 -38.47 -14.79 -0.19
C ALA D 10 -38.61 -15.80 0.95
N ASN D 11 -39.84 -15.93 1.45
CA ASN D 11 -40.10 -16.77 2.60
C ASN D 11 -40.83 -18.05 2.20
#